data_5IFB
#
_entry.id   5IFB
#
_cell.length_a   68.920
_cell.length_b   68.920
_cell.length_c   396.420
_cell.angle_alpha   90.000
_cell.angle_beta   90.000
_cell.angle_gamma   120.000
#
_symmetry.space_group_name_H-M   'P 65 2 2'
#
loop_
_entity.id
_entity.type
_entity.pdbx_description
1 polymer 'Polymerase acidic protein'
2 non-polymer 5-chloro-2-(1H-imidazol-1-yl)aniline
3 non-polymer 'DIMETHYL SULFOXIDE'
4 non-polymer 'CHLORIDE ION'
5 water water
#
_entity_poly.entity_id   1
_entity_poly.type   'polypeptide(L)'
_entity_poly.pdbx_seq_one_letter_code
;GNARIEPFLKSTPRPLRLPDGPPCSQRSKFLLMDALKLSIEDPSHEGEGIPLYDAIKCMRTFFGWKEPNVVKPHEKGINP
NYLLSWKQVLAELQDIENEEKIPRTKNMKKTSQLKWALGENMAPEKVDFDDCKDVGDLKQYDSDEPELRSLASWIQNEFN
KACELTDSSWIELDEIGEDAAPIEHIASMRRNYFTAEVSHCRATEYIMKGVYINTALLNASCAAMDDFQLIPMISKCRTK
EGRRKTNLYGFIIKGRSHLRNDTDVVNFVSMEFSLTDPRLEPHKWEKYCVLEVGDMLLRSAIGHVSRPMFLYVRTNGTSK
IKMKWGMEMRRCLLQSLQQIESMIEAESSVKEKDMTKEFFENKSETWPVGESPKGVEEGSIGKVCRTLLAKSVFNSLYAS
PQLEGFSAESRKLLLIVQALRDNLEPGTFDLGGLYEAIEECLINDPWVLLNASWFNSFLTHALR
;
_entity_poly.pdbx_strand_id   A
#
loop_
_chem_comp.id
_chem_comp.type
_chem_comp.name
_chem_comp.formula
6AV non-polymer 5-chloro-2-(1H-imidazol-1-yl)aniline 'C9 H8 Cl N3'
CL non-polymer 'CHLORIDE ION' 'Cl -1'
DMS non-polymer 'DIMETHYL SULFOXIDE' 'C2 H6 O S'
#
# COMPACT_ATOMS: atom_id res chain seq x y z
N PRO A 13 -5.10 -3.55 -33.64
CA PRO A 13 -4.51 -2.54 -34.53
C PRO A 13 -4.11 -1.22 -33.84
N ARG A 14 -5.10 -0.40 -33.44
CA ARG A 14 -4.77 0.92 -32.89
C ARG A 14 -4.31 0.80 -31.44
N PRO A 15 -3.36 1.63 -31.02
CA PRO A 15 -3.10 1.77 -29.58
C PRO A 15 -4.33 2.28 -28.84
N LEU A 16 -4.38 1.98 -27.55
CA LEU A 16 -5.47 2.46 -26.71
C LEU A 16 -5.45 3.98 -26.61
N ARG A 17 -6.63 4.57 -26.52
CA ARG A 17 -6.75 6.02 -26.41
C ARG A 17 -6.76 6.37 -24.93
N LEU A 18 -5.67 6.94 -24.45
CA LEU A 18 -5.67 7.29 -23.04
C LEU A 18 -6.31 8.67 -22.83
N PRO A 19 -7.08 8.84 -21.78
CA PRO A 19 -7.79 10.11 -21.58
C PRO A 19 -6.84 11.28 -21.37
N ASP A 20 -7.31 12.45 -21.77
CA ASP A 20 -6.59 13.70 -21.58
C ASP A 20 -7.13 14.47 -20.39
N GLY A 21 -6.27 15.26 -19.76
CA GLY A 21 -6.70 16.10 -18.67
C GLY A 21 -5.63 16.35 -17.63
N PRO A 22 -6.03 16.93 -16.50
CA PRO A 22 -5.07 17.12 -15.42
C PRO A 22 -4.53 15.80 -14.97
N PRO A 23 -3.32 15.77 -14.38
CA PRO A 23 -2.71 14.50 -13.99
C PRO A 23 -3.50 13.82 -12.87
N CYS A 24 -3.47 12.49 -12.88
CA CYS A 24 -4.19 11.72 -11.87
C CYS A 24 -3.51 11.87 -10.51
N SER A 25 -4.29 11.65 -9.46
CA SER A 25 -3.88 11.93 -8.09
C SER A 25 -3.91 10.65 -7.26
N GLN A 26 -3.17 10.69 -6.15
CA GLN A 26 -3.08 9.50 -5.31
C GLN A 26 -4.44 9.13 -4.72
N ARG A 27 -4.73 7.83 -4.71
CA ARG A 27 -6.01 7.39 -4.15
C ARG A 27 -5.89 6.15 -3.28
N SER A 28 -4.70 5.76 -2.82
CA SER A 28 -4.61 4.61 -1.94
C SER A 28 -5.12 4.93 -0.53
N LYS A 29 -5.46 3.88 0.22
CA LYS A 29 -5.93 4.06 1.58
C LYS A 29 -4.83 4.56 2.52
N PHE A 30 -3.56 4.35 2.17
CA PHE A 30 -2.46 4.87 2.96
C PHE A 30 -1.30 5.19 2.02
N LEU A 31 -0.31 5.93 2.53
CA LEU A 31 0.85 6.30 1.73
C LEU A 31 1.60 5.04 1.30
N LEU A 32 2.19 5.09 0.10
CA LEU A 32 2.98 3.98 -0.41
C LEU A 32 4.44 4.41 -0.38
N MET A 33 5.05 4.82 -1.50
CA MET A 33 6.47 5.17 -1.49
C MET A 33 6.77 6.34 -0.58
N ASP A 34 5.79 7.18 -0.27
CA ASP A 34 6.05 8.39 0.49
C ASP A 34 5.97 8.20 1.99
N ALA A 35 5.69 7.00 2.47
CA ALA A 35 5.53 6.81 3.90
C ALA A 35 6.87 7.02 4.62
N LEU A 36 6.76 7.30 5.92
CA LEU A 36 7.90 7.45 6.81
C LEU A 36 7.58 6.71 8.11
N LYS A 37 8.54 6.00 8.66
CA LYS A 37 8.37 5.23 9.87
C LYS A 37 9.12 5.88 11.02
N LEU A 38 8.46 6.02 12.16
CA LEU A 38 9.13 6.18 13.44
C LEU A 38 9.19 4.81 14.09
N SER A 39 10.37 4.37 14.50
CA SER A 39 10.56 2.98 14.88
C SER A 39 11.23 2.83 16.24
N ILE A 40 10.91 1.73 16.91
CA ILE A 40 11.58 1.30 18.13
C ILE A 40 12.16 -0.10 17.90
N GLU A 41 13.36 -0.33 18.42
CA GLU A 41 14.01 -1.62 18.23
C GLU A 41 13.66 -2.53 19.41
N ASP A 42 13.80 -3.84 19.17
CA ASP A 42 13.55 -4.95 20.09
C ASP A 42 12.55 -4.63 21.19
N PRO A 43 11.31 -4.21 20.85
CA PRO A 43 10.27 -3.69 21.75
C PRO A 43 10.41 -4.02 23.24
N GLY A 49 3.48 -4.48 22.67
CA GLY A 49 2.49 -5.41 22.16
C GLY A 49 1.08 -4.83 22.03
N ILE A 50 0.85 -3.68 22.65
CA ILE A 50 -0.43 -2.97 22.62
C ILE A 50 -0.26 -1.75 21.72
N PRO A 51 -1.02 -1.63 20.64
CA PRO A 51 -0.72 -0.62 19.60
C PRO A 51 -0.55 0.79 20.15
N LEU A 52 -1.38 1.19 21.09
CA LEU A 52 -1.29 2.56 21.60
C LEU A 52 -0.02 2.77 22.40
N TYR A 53 0.42 1.75 23.17
CA TYR A 53 1.68 1.88 23.89
C TYR A 53 2.86 1.92 22.92
N ASP A 54 2.86 1.03 21.91
CA ASP A 54 3.91 1.05 20.90
C ASP A 54 3.99 2.41 20.23
N ALA A 55 2.83 3.00 19.90
CA ALA A 55 2.83 4.27 19.18
C ALA A 55 3.45 5.38 20.01
N ILE A 56 3.11 5.44 21.29
CA ILE A 56 3.63 6.49 22.14
C ILE A 56 5.14 6.37 22.27
N LYS A 57 5.65 5.15 22.47
CA LYS A 57 7.10 4.98 22.55
C LYS A 57 7.74 5.36 21.22
N CYS A 58 7.07 5.08 20.11
CA CYS A 58 7.56 5.53 18.80
C CYS A 58 7.59 7.05 18.72
N MET A 59 6.49 7.71 19.10
CA MET A 59 6.45 9.17 19.10
C MET A 59 7.56 9.76 19.97
N ARG A 60 7.83 9.14 21.12
CA ARG A 60 8.85 9.69 22.01
C ARG A 60 10.28 9.43 21.54
N THR A 61 10.50 8.75 20.42
CA THR A 61 11.86 8.67 19.92
C THR A 61 12.23 9.89 19.10
N PHE A 62 11.27 10.70 18.70
CA PHE A 62 11.50 11.85 17.82
C PHE A 62 11.44 13.13 18.64
N PHE A 63 12.41 14.01 18.42
CA PHE A 63 12.53 15.26 19.17
C PHE A 63 12.46 16.48 18.28
N GLY A 64 12.27 16.32 16.98
CA GLY A 64 12.20 17.44 16.08
C GLY A 64 10.81 18.00 15.85
N TRP A 65 9.81 17.57 16.62
CA TRP A 65 8.48 18.15 16.54
C TRP A 65 8.56 19.66 16.65
N LYS A 66 7.61 20.34 16.02
CA LYS A 66 7.52 21.78 16.12
C LYS A 66 6.08 22.17 15.81
N GLU A 67 5.77 23.44 16.03
CA GLU A 67 4.42 23.96 15.82
C GLU A 67 3.95 23.68 14.40
N PRO A 68 2.89 22.90 14.21
CA PRO A 68 2.49 22.53 12.85
C PRO A 68 1.78 23.64 12.10
N ASN A 69 1.98 23.68 10.78
CA ASN A 69 1.29 24.62 9.90
CA ASN A 69 1.22 24.58 9.92
C ASN A 69 1.00 23.92 8.57
N VAL A 70 -0.05 24.36 7.88
CA VAL A 70 -0.36 23.87 6.54
C VAL A 70 0.73 24.33 5.58
N VAL A 71 1.20 23.43 4.71
CA VAL A 71 2.05 23.81 3.60
C VAL A 71 1.47 23.47 2.25
N LYS A 72 0.53 22.53 2.17
CA LYS A 72 -0.17 22.24 0.92
C LYS A 72 -1.64 22.07 1.29
N PRO A 73 -2.46 23.08 1.03
CA PRO A 73 -3.86 23.03 1.48
C PRO A 73 -4.67 22.08 0.61
N HIS A 74 -5.67 21.47 1.24
CA HIS A 74 -6.68 20.72 0.51
C HIS A 74 -7.60 21.73 -0.15
N GLU A 75 -7.73 21.67 -1.48
CA GLU A 75 -8.42 22.75 -2.19
C GLU A 75 -9.91 22.75 -1.90
N LYS A 76 -10.50 21.59 -1.61
CA LYS A 76 -11.93 21.48 -1.38
C LYS A 76 -12.32 21.31 0.09
N GLY A 77 -11.37 21.15 1.01
CA GLY A 77 -11.67 20.93 2.40
C GLY A 77 -11.44 22.14 3.29
N ILE A 78 -11.73 21.95 4.59
CA ILE A 78 -11.60 22.99 5.60
C ILE A 78 -10.25 22.78 6.29
N ASN A 79 -9.23 23.47 5.78
CA ASN A 79 -7.88 23.22 6.26
C ASN A 79 -7.64 23.54 7.74
N PRO A 80 -8.24 24.55 8.36
CA PRO A 80 -8.05 24.70 9.82
C PRO A 80 -8.47 23.47 10.59
N ASN A 81 -9.44 22.70 10.09
CA ASN A 81 -9.91 21.55 10.87
C ASN A 81 -8.89 20.41 10.84
N TYR A 82 -8.23 20.21 9.69
CA TYR A 82 -7.18 19.21 9.63
C TYR A 82 -6.05 19.58 10.58
N LEU A 83 -5.65 20.86 10.58
CA LEU A 83 -4.63 21.30 11.53
C LEU A 83 -5.08 21.03 12.96
N LEU A 84 -6.32 21.44 13.30
CA LEU A 84 -6.82 21.23 14.67
C LEU A 84 -6.83 19.75 15.05
N SER A 85 -7.10 18.88 14.07
CA SER A 85 -7.19 17.46 14.36
C SER A 85 -5.82 16.89 14.73
N TRP A 86 -4.77 17.35 14.06
CA TRP A 86 -3.44 16.84 14.37
C TRP A 86 -3.02 17.34 15.75
N LYS A 87 -3.25 18.63 16.01
CA LYS A 87 -2.96 19.19 17.33
C LYS A 87 -3.77 18.50 18.42
N GLN A 88 -4.99 18.04 18.08
CA GLN A 88 -5.78 17.28 19.04
C GLN A 88 -5.16 15.92 19.30
N VAL A 89 -4.73 15.23 18.24
CA VAL A 89 -4.04 13.95 18.40
C VAL A 89 -2.86 14.09 19.36
N LEU A 90 -2.01 15.09 19.13
CA LEU A 90 -0.85 15.31 20.00
C LEU A 90 -1.28 15.63 21.42
N ALA A 91 -2.29 16.47 21.59
CA ALA A 91 -2.73 16.83 22.92
C ALA A 91 -3.31 15.62 23.64
N GLU A 92 -4.05 14.77 22.95
CA GLU A 92 -4.68 13.62 23.61
C GLU A 92 -3.69 12.49 23.87
N LEU A 93 -2.65 12.36 23.03
CA LEU A 93 -1.54 11.47 23.36
C LEU A 93 -0.78 11.98 24.58
N GLN A 94 -0.65 13.31 24.69
CA GLN A 94 -0.03 13.88 25.86
C GLN A 94 -0.84 13.60 27.12
N ASP A 95 -2.17 13.56 27.01
CA ASP A 95 -3.01 13.18 28.14
C ASP A 95 -2.75 11.75 28.58
N ILE A 96 -2.73 10.83 27.62
CA ILE A 96 -2.49 9.42 27.94
C ILE A 96 -1.19 9.27 28.72
N GLU A 97 -0.18 10.07 28.40
CA GLU A 97 1.10 10.00 29.09
C GLU A 97 1.01 10.41 30.57
N ASN A 98 -0.15 10.85 31.04
CA ASN A 98 -0.33 11.20 32.44
C ASN A 98 -1.32 10.32 33.18
N GLU A 99 -2.30 9.73 32.49
CA GLU A 99 -3.16 8.72 33.11
C GLU A 99 -2.31 7.52 33.54
N GLU A 100 -2.53 7.07 34.78
CA GLU A 100 -1.68 6.11 35.49
C GLU A 100 -1.18 4.96 34.62
N LYS A 101 -2.04 3.98 34.37
CA LYS A 101 -1.74 2.96 33.38
C LYS A 101 -2.10 3.47 31.99
N ILE A 102 -1.26 3.14 31.01
CA ILE A 102 -1.58 3.51 29.63
C ILE A 102 -2.70 2.59 29.14
N PRO A 103 -3.86 3.15 28.77
CA PRO A 103 -4.99 2.29 28.40
C PRO A 103 -4.77 1.59 27.06
N ARG A 104 -5.62 0.58 26.83
CA ARG A 104 -5.50 -0.21 25.62
C ARG A 104 -5.91 0.61 24.40
N THR A 105 -6.94 1.45 24.52
CA THR A 105 -7.40 2.28 23.43
C THR A 105 -7.68 3.69 23.93
N LYS A 106 -7.92 4.59 22.97
CA LYS A 106 -8.06 6.01 23.23
C LYS A 106 -9.16 6.52 22.33
N ASN A 107 -10.23 7.05 22.92
CA ASN A 107 -11.38 7.56 22.19
C ASN A 107 -11.30 9.08 22.14
N MET A 108 -11.25 9.63 20.93
CA MET A 108 -11.05 11.06 20.78
C MET A 108 -12.29 11.80 21.21
N LYS A 109 -12.08 12.95 21.85
CA LYS A 109 -13.16 13.90 22.07
C LYS A 109 -13.85 14.21 20.74
N LYS A 110 -15.18 14.30 20.77
CA LYS A 110 -15.92 14.62 19.55
C LYS A 110 -15.96 16.13 19.34
N THR A 111 -14.76 16.68 19.10
CA THR A 111 -14.58 18.06 18.73
C THR A 111 -15.28 18.40 17.41
N SER A 112 -15.53 19.70 17.22
CA SER A 112 -16.11 20.18 15.97
C SER A 112 -15.23 19.87 14.76
N GLN A 113 -13.89 19.93 14.87
CA GLN A 113 -13.05 19.61 13.72
C GLN A 113 -13.17 18.13 13.33
N LEU A 114 -13.24 17.22 14.30
CA LEU A 114 -13.40 15.80 13.97
C LEU A 114 -14.80 15.49 13.47
N LYS A 115 -15.83 16.09 14.05
CA LYS A 115 -17.15 15.90 13.47
C LYS A 115 -17.16 16.34 12.01
N TRP A 116 -16.53 17.49 11.71
CA TRP A 116 -16.47 17.91 10.30
C TRP A 116 -15.68 16.89 9.47
N ALA A 117 -14.50 16.50 9.95
CA ALA A 117 -13.62 15.69 9.14
C ALA A 117 -14.18 14.30 8.92
N LEU A 118 -14.93 13.79 9.88
CA LEU A 118 -15.50 12.45 9.78
C LEU A 118 -16.89 12.44 9.16
N GLY A 119 -17.39 13.59 8.72
CA GLY A 119 -18.65 13.61 7.97
C GLY A 119 -19.89 13.41 8.81
N GLU A 120 -19.90 13.88 10.06
CA GLU A 120 -21.05 13.71 10.95
C GLU A 120 -21.77 15.01 11.33
N PRO A 146 -15.81 11.36 -16.94
CA PRO A 146 -16.31 12.15 -15.80
C PRO A 146 -15.73 11.72 -14.44
N GLU A 147 -14.64 12.33 -14.00
CA GLU A 147 -13.95 13.44 -14.67
C GLU A 147 -12.54 13.03 -15.14
N LEU A 148 -12.25 13.23 -16.43
CA LEU A 148 -11.06 12.62 -17.01
C LEU A 148 -9.77 13.15 -16.42
N ARG A 149 -8.82 12.23 -16.20
CA ARG A 149 -7.47 12.53 -15.75
C ARG A 149 -6.47 11.79 -16.63
N SER A 150 -5.33 12.43 -16.84
CA SER A 150 -4.26 11.83 -17.62
C SER A 150 -3.27 11.11 -16.71
N LEU A 151 -2.57 10.13 -17.29
CA LEU A 151 -1.57 9.38 -16.56
C LEU A 151 -0.42 10.30 -16.16
N ALA A 152 -0.10 10.31 -14.86
CA ALA A 152 1.07 11.02 -14.38
C ALA A 152 2.20 10.04 -14.08
N SER A 153 3.44 10.55 -14.11
CA SER A 153 4.56 9.62 -13.95
C SER A 153 4.68 9.01 -12.56
N TRP A 154 3.98 9.54 -11.54
CA TRP A 154 4.24 9.08 -10.17
C TRP A 154 3.81 7.64 -9.96
N ILE A 155 2.81 7.16 -10.70
CA ILE A 155 2.29 5.83 -10.38
C ILE A 155 3.25 4.74 -10.89
N GLN A 156 3.87 4.96 -12.05
CA GLN A 156 4.96 4.07 -12.46
C GLN A 156 6.05 4.05 -11.40
N ASN A 157 6.43 5.23 -10.90
CA ASN A 157 7.43 5.32 -9.83
C ASN A 157 6.99 4.56 -8.60
N GLU A 158 5.72 4.71 -8.19
CA GLU A 158 5.24 3.91 -7.07
C GLU A 158 5.45 2.44 -7.34
N PHE A 159 5.14 2.00 -8.56
CA PHE A 159 5.26 0.58 -8.89
C PHE A 159 6.71 0.11 -8.89
N ASN A 160 7.63 0.90 -9.47
CA ASN A 160 9.05 0.55 -9.34
C ASN A 160 9.46 0.45 -7.88
N LYS A 161 9.01 1.39 -7.04
CA LYS A 161 9.35 1.34 -5.63
C LYS A 161 8.83 0.06 -4.98
N ALA A 162 7.62 -0.35 -5.32
CA ALA A 162 7.06 -1.54 -4.70
C ALA A 162 7.85 -2.80 -5.04
N CYS A 163 8.56 -2.81 -6.17
CA CYS A 163 9.34 -3.98 -6.57
C CYS A 163 10.68 -4.12 -5.85
N GLU A 164 11.17 -3.07 -5.21
CA GLU A 164 12.51 -3.02 -4.62
C GLU A 164 12.58 -3.84 -3.32
N LEU A 165 13.81 -4.10 -2.90
CA LEU A 165 14.10 -4.76 -1.64
C LEU A 165 14.36 -3.71 -0.57
N THR A 166 13.79 -3.92 0.60
CA THR A 166 14.12 -3.13 1.78
C THR A 166 15.17 -3.88 2.60
N ASP A 167 15.75 -3.20 3.56
CA ASP A 167 16.74 -3.87 4.41
C ASP A 167 16.11 -4.62 5.58
N SER A 168 14.81 -4.93 5.51
CA SER A 168 14.09 -5.61 6.59
C SER A 168 13.19 -6.67 6.00
N SER A 169 12.96 -7.73 6.78
CA SER A 169 12.04 -8.79 6.39
C SER A 169 10.69 -8.56 7.05
N TRP A 170 9.65 -8.75 6.25
CA TRP A 170 8.29 -8.40 6.66
C TRP A 170 7.43 -9.60 6.94
N ILE A 171 7.88 -10.82 6.61
CA ILE A 171 7.12 -12.04 6.87
C ILE A 171 8.06 -13.10 7.40
N GLU A 172 7.49 -14.05 8.16
CA GLU A 172 8.20 -15.21 8.66
C GLU A 172 8.43 -16.23 7.54
N LEU A 173 9.34 -17.16 7.80
CA LEU A 173 9.71 -18.15 6.80
C LEU A 173 8.54 -19.06 6.41
N ASP A 174 7.56 -19.25 7.28
CA ASP A 174 6.40 -20.09 6.99
C ASP A 174 5.12 -19.28 6.81
N GLU A 175 5.26 -18.02 6.36
CA GLU A 175 4.11 -17.13 6.24
C GLU A 175 3.16 -17.58 5.13
N ILE A 176 3.70 -18.00 3.99
CA ILE A 176 2.90 -18.23 2.80
C ILE A 176 2.24 -19.60 2.88
N GLY A 177 0.94 -19.65 2.65
CA GLY A 177 0.24 -20.92 2.63
C GLY A 177 -0.72 -21.08 3.79
N GLU A 178 -1.68 -22.00 3.59
CA GLU A 178 -2.77 -22.28 4.52
C GLU A 178 -2.99 -23.77 4.70
N ASP A 179 -1.95 -24.58 4.55
CA ASP A 179 -2.12 -26.00 4.38
C ASP A 179 -2.43 -26.68 5.70
N ALA A 180 -3.43 -27.57 5.69
CA ALA A 180 -3.75 -28.33 6.88
C ALA A 180 -2.63 -29.31 7.22
N ALA A 181 -2.00 -29.87 6.19
CA ALA A 181 -1.04 -30.96 6.28
C ALA A 181 0.37 -30.48 5.97
N PRO A 182 1.38 -31.30 6.30
CA PRO A 182 2.74 -31.04 5.77
C PRO A 182 2.74 -31.01 4.25
N ILE A 183 3.47 -30.02 3.68
CA ILE A 183 3.55 -29.92 2.22
C ILE A 183 4.60 -30.89 1.69
N GLU A 184 4.35 -31.39 0.48
CA GLU A 184 5.30 -32.25 -0.22
C GLU A 184 6.63 -31.50 -0.44
N HIS A 185 7.67 -32.28 -0.76
CA HIS A 185 9.03 -31.75 -0.78
C HIS A 185 9.21 -30.67 -1.84
N ILE A 186 8.66 -30.86 -3.04
CA ILE A 186 8.85 -29.89 -4.10
C ILE A 186 8.14 -28.59 -3.79
N ALA A 187 6.88 -28.69 -3.35
CA ALA A 187 6.12 -27.48 -3.02
C ALA A 187 6.84 -26.68 -1.93
N SER A 188 7.41 -27.38 -0.96
CA SER A 188 8.20 -26.73 0.09
C SER A 188 9.42 -26.00 -0.49
N MET A 189 10.24 -26.69 -1.28
CA MET A 189 11.39 -26.07 -1.93
C MET A 189 10.97 -24.79 -2.65
N ARG A 190 9.88 -24.85 -3.43
CA ARG A 190 9.41 -23.67 -4.15
C ARG A 190 9.01 -22.55 -3.20
N ARG A 191 8.30 -22.87 -2.11
CA ARG A 191 7.87 -21.82 -1.20
C ARG A 191 9.09 -21.17 -0.55
N ASN A 192 10.13 -21.96 -0.25
CA ASN A 192 11.30 -21.41 0.41
C ASN A 192 12.11 -20.53 -0.54
N TYR A 193 12.25 -20.94 -1.81
CA TYR A 193 12.94 -20.09 -2.77
C TYR A 193 12.19 -18.78 -2.98
N PHE A 194 10.88 -18.86 -3.23
CA PHE A 194 10.06 -17.68 -3.43
C PHE A 194 10.14 -16.73 -2.23
N THR A 195 10.00 -17.27 -1.02
CA THR A 195 10.01 -16.44 0.18
C THR A 195 11.31 -15.68 0.33
N ALA A 196 12.44 -16.37 0.14
CA ALA A 196 13.73 -15.69 0.22
C ALA A 196 13.79 -14.50 -0.74
N GLU A 197 13.03 -14.54 -1.83
CA GLU A 197 13.07 -13.46 -2.81
C GLU A 197 12.11 -12.31 -2.50
N VAL A 198 11.06 -12.55 -1.71
CA VAL A 198 10.04 -11.52 -1.48
C VAL A 198 9.93 -11.10 -0.02
N SER A 199 10.58 -11.80 0.91
CA SER A 199 10.38 -11.50 2.33
C SER A 199 10.83 -10.09 2.69
N HIS A 200 11.81 -9.53 1.97
CA HIS A 200 12.27 -8.18 2.20
C HIS A 200 11.66 -7.18 1.23
N CYS A 201 10.83 -7.65 0.29
CA CYS A 201 10.30 -6.78 -0.76
C CYS A 201 9.37 -5.72 -0.19
N ARG A 202 9.41 -4.53 -0.78
CA ARG A 202 8.57 -3.42 -0.29
C ARG A 202 7.09 -3.73 -0.44
N ALA A 203 6.71 -4.42 -1.52
CA ALA A 203 5.31 -4.80 -1.70
C ALA A 203 4.83 -5.67 -0.54
N THR A 204 5.75 -6.43 0.06
CA THR A 204 5.40 -7.24 1.22
C THR A 204 5.20 -6.37 2.46
N GLU A 205 5.99 -5.32 2.61
CA GLU A 205 5.71 -4.34 3.65
C GLU A 205 4.32 -3.74 3.44
N TYR A 206 3.97 -3.39 2.21
CA TYR A 206 2.62 -2.86 1.97
C TYR A 206 1.56 -3.88 2.37
N ILE A 207 1.78 -5.16 2.05
CA ILE A 207 0.85 -6.21 2.45
C ILE A 207 0.59 -6.18 3.95
N MET A 208 1.67 -6.17 4.74
CA MET A 208 1.52 -6.31 6.19
C MET A 208 1.00 -5.03 6.81
N LYS A 209 1.46 -3.88 6.30
CA LYS A 209 0.87 -2.60 6.65
C LYS A 209 -0.64 -2.62 6.42
N GLY A 210 -1.07 -3.04 5.22
CA GLY A 210 -2.51 -3.06 4.95
C GLY A 210 -3.26 -4.08 5.80
N VAL A 211 -2.66 -5.25 6.05
CA VAL A 211 -3.31 -6.23 6.90
C VAL A 211 -3.50 -5.68 8.29
N TYR A 212 -2.47 -5.05 8.84
CA TYR A 212 -2.54 -4.50 10.19
CA TYR A 212 -2.55 -4.50 10.19
C TYR A 212 -3.64 -3.43 10.29
N ILE A 213 -3.57 -2.41 9.42
CA ILE A 213 -4.49 -1.29 9.60
C ILE A 213 -5.92 -1.70 9.28
N ASN A 214 -6.12 -2.62 8.33
CA ASN A 214 -7.48 -3.09 8.07
C ASN A 214 -8.01 -3.94 9.22
N THR A 215 -7.14 -4.76 9.83
CA THR A 215 -7.56 -5.55 10.98
C THR A 215 -7.96 -4.62 12.11
N ALA A 216 -7.14 -3.61 12.39
CA ALA A 216 -7.40 -2.72 13.51
C ALA A 216 -8.67 -1.91 13.27
N LEU A 217 -8.84 -1.38 12.06
CA LEU A 217 -10.05 -0.62 11.77
C LEU A 217 -11.29 -1.50 11.86
N LEU A 218 -11.22 -2.72 11.32
CA LEU A 218 -12.41 -3.56 11.35
C LEU A 218 -12.76 -3.96 12.77
N ASN A 219 -11.74 -4.30 13.57
CA ASN A 219 -12.01 -4.61 14.96
C ASN A 219 -12.59 -3.42 15.70
N ALA A 220 -12.04 -2.22 15.47
CA ALA A 220 -12.57 -1.03 16.12
C ALA A 220 -14.01 -0.75 15.70
N SER A 221 -14.34 -1.13 14.46
CA SER A 221 -15.65 -0.81 13.89
C SER A 221 -16.79 -1.51 14.62
N CYS A 222 -16.57 -2.70 15.19
CA CYS A 222 -17.59 -3.31 16.02
C CYS A 222 -17.28 -3.26 17.52
N ALA A 223 -16.02 -3.10 17.91
CA ALA A 223 -15.71 -3.00 19.34
C ALA A 223 -15.98 -1.60 19.92
N ALA A 224 -16.00 -0.56 19.07
CA ALA A 224 -16.17 0.83 19.50
C ALA A 224 -17.02 1.62 18.50
N MET A 225 -18.25 1.15 18.28
CA MET A 225 -19.07 1.64 17.18
C MET A 225 -19.31 3.14 17.28
N ASP A 226 -19.52 3.66 18.47
CA ASP A 226 -19.94 5.06 18.62
C ASP A 226 -18.77 6.01 18.84
N ASP A 227 -17.54 5.51 18.96
CA ASP A 227 -16.39 6.30 19.36
C ASP A 227 -15.55 6.76 18.16
N PHE A 228 -14.90 7.92 18.34
CA PHE A 228 -13.85 8.37 17.41
C PHE A 228 -12.53 7.81 17.91
N GLN A 229 -12.29 6.54 17.63
CA GLN A 229 -11.13 5.89 18.21
C GLN A 229 -9.86 6.24 17.42
N LEU A 230 -8.78 6.47 18.17
CA LEU A 230 -7.47 6.80 17.60
C LEU A 230 -6.74 5.50 17.31
N ILE A 231 -6.48 5.20 16.04
CA ILE A 231 -5.97 3.90 15.66
C ILE A 231 -4.58 4.07 15.05
N PRO A 232 -3.52 3.69 15.76
CA PRO A 232 -2.16 3.78 15.19
C PRO A 232 -1.99 2.91 13.96
N MET A 233 -1.17 3.38 13.02
CA MET A 233 -0.79 2.63 11.84
C MET A 233 0.57 2.01 12.14
N ILE A 234 0.57 0.70 12.39
CA ILE A 234 1.74 -0.02 12.87
CA ILE A 234 1.76 0.02 12.84
C ILE A 234 2.13 -1.09 11.87
N SER A 235 3.44 -1.33 11.74
CA SER A 235 3.93 -2.53 11.10
C SER A 235 5.05 -3.10 11.95
N LYS A 236 5.47 -4.32 11.61
CA LYS A 236 6.53 -5.03 12.32
C LYS A 236 7.43 -5.71 11.29
N CYS A 237 8.75 -5.57 11.48
CA CYS A 237 9.72 -6.21 10.61
C CYS A 237 10.89 -6.70 11.47
N ARG A 238 11.85 -7.36 10.82
CA ARG A 238 13.05 -7.86 11.48
C ARG A 238 14.25 -7.42 10.66
N THR A 239 15.22 -6.77 11.31
CA THR A 239 16.39 -6.27 10.63
C THR A 239 17.24 -7.44 10.10
N LYS A 240 18.24 -7.09 9.28
CA LYS A 240 19.15 -8.10 8.77
C LYS A 240 19.90 -8.79 9.89
N GLU A 241 20.15 -8.09 11.00
CA GLU A 241 20.80 -8.66 12.18
C GLU A 241 19.81 -9.37 13.10
N GLY A 242 18.55 -9.52 12.69
CA GLY A 242 17.59 -10.29 13.46
C GLY A 242 16.83 -9.50 14.50
N ARG A 243 17.13 -8.22 14.70
CA ARG A 243 16.40 -7.44 15.67
C ARG A 243 14.97 -7.20 15.20
N ARG A 244 14.02 -7.29 16.13
CA ARG A 244 12.63 -7.01 15.85
C ARG A 244 12.38 -5.52 16.02
N LYS A 245 11.72 -4.89 15.04
CA LYS A 245 11.44 -3.45 15.09
C LYS A 245 9.93 -3.24 14.97
N THR A 246 9.41 -2.24 15.70
CA THR A 246 8.01 -1.84 15.60
C THR A 246 7.94 -0.46 14.94
N ASN A 247 7.05 -0.30 13.96
CA ASN A 247 7.06 0.89 13.12
C ASN A 247 5.74 1.62 13.22
N LEU A 248 5.81 2.93 13.38
CA LEU A 248 4.64 3.80 13.37
C LEU A 248 4.67 4.68 12.13
N TYR A 249 3.65 4.54 11.27
CA TYR A 249 3.49 5.36 10.07
C TYR A 249 2.64 6.60 10.28
N GLY A 250 1.83 6.61 11.33
CA GLY A 250 0.83 7.64 11.53
C GLY A 250 -0.36 7.08 12.29
N PHE A 251 -1.50 7.77 12.17
CA PHE A 251 -2.70 7.43 12.91
C PHE A 251 -3.88 7.51 11.96
N ILE A 252 -4.91 6.70 12.23
CA ILE A 252 -6.23 7.02 11.68
C ILE A 252 -7.19 7.27 12.83
N ILE A 253 -8.22 8.06 12.56
CA ILE A 253 -9.31 8.25 13.48
C ILE A 253 -10.57 7.81 12.75
N LYS A 254 -11.28 6.83 13.29
CA LYS A 254 -12.52 6.39 12.65
C LYS A 254 -13.70 7.18 13.18
N GLY A 255 -14.68 7.39 12.30
CA GLY A 255 -15.96 7.95 12.69
C GLY A 255 -16.89 6.91 13.29
N ARG A 256 -18.18 7.24 13.36
CA ARG A 256 -19.16 6.27 13.83
C ARG A 256 -19.24 5.13 12.83
N SER A 257 -19.31 3.90 13.36
CA SER A 257 -19.27 2.70 12.51
C SER A 257 -20.37 1.75 12.97
N HIS A 258 -21.61 2.04 12.59
CA HIS A 258 -22.73 1.11 12.77
C HIS A 258 -22.93 0.38 11.43
N LEU A 259 -22.06 -0.59 11.18
CA LEU A 259 -21.95 -1.27 9.89
C LEU A 259 -22.88 -2.48 9.88
N ARG A 260 -24.14 -2.24 9.50
CA ARG A 260 -25.11 -3.31 9.34
C ARG A 260 -24.88 -4.13 8.08
N ASN A 261 -24.09 -3.63 7.13
CA ASN A 261 -23.88 -4.29 5.85
C ASN A 261 -22.40 -4.47 5.55
N ASP A 262 -22.15 -5.27 4.53
CA ASP A 262 -20.81 -5.36 3.97
C ASP A 262 -20.44 -4.07 3.26
N THR A 263 -21.43 -3.41 2.63
CA THR A 263 -21.21 -2.19 1.87
C THR A 263 -21.36 -0.91 2.69
N ASP A 264 -21.87 -0.97 3.93
CA ASP A 264 -21.89 0.22 4.77
C ASP A 264 -20.48 0.76 4.96
N VAL A 265 -20.38 2.07 4.98
CA VAL A 265 -19.11 2.79 4.96
C VAL A 265 -18.80 3.31 6.34
N VAL A 266 -17.56 3.13 6.78
CA VAL A 266 -17.04 3.82 7.97
C VAL A 266 -16.03 4.85 7.47
N ASN A 267 -16.22 6.09 7.88
CA ASN A 267 -15.34 7.18 7.49
C ASN A 267 -14.15 7.25 8.44
N PHE A 268 -13.02 7.75 7.94
CA PHE A 268 -11.90 7.94 8.84
C PHE A 268 -11.03 9.06 8.33
N VAL A 269 -10.20 9.60 9.23
CA VAL A 269 -9.20 10.59 8.90
C VAL A 269 -7.84 9.95 9.08
N SER A 270 -7.03 9.95 8.02
CA SER A 270 -5.67 9.44 8.10
C SER A 270 -4.67 10.58 8.24
N MET A 271 -3.67 10.35 9.10
CA MET A 271 -2.58 11.29 9.36
C MET A 271 -1.25 10.56 9.24
N GLU A 272 -0.52 10.79 8.16
CA GLU A 272 0.61 9.94 7.84
C GLU A 272 1.90 10.75 7.75
N PHE A 273 2.94 10.30 8.45
CA PHE A 273 4.25 10.93 8.35
C PHE A 273 4.83 10.77 6.95
N SER A 274 5.67 11.74 6.57
CA SER A 274 6.38 11.63 5.30
C SER A 274 7.49 12.67 5.26
N LEU A 275 8.52 12.34 4.48
CA LEU A 275 9.57 13.28 4.09
C LEU A 275 9.35 13.86 2.70
N THR A 276 8.31 13.41 1.98
CA THR A 276 8.03 13.92 0.65
C THR A 276 7.41 15.32 0.75
N ASP A 277 8.13 16.31 0.21
CA ASP A 277 7.57 17.64 0.07
C ASP A 277 6.42 17.62 -0.93
N PRO A 278 5.19 17.91 -0.53
CA PRO A 278 4.06 17.84 -1.47
C PRO A 278 4.10 18.89 -2.59
N ARG A 279 4.96 19.90 -2.48
CA ARG A 279 4.98 20.96 -3.47
C ARG A 279 5.75 20.59 -4.73
N LEU A 280 6.47 19.46 -4.72
CA LEU A 280 7.12 18.97 -5.94
C LEU A 280 6.10 18.40 -6.92
N GLU A 281 5.12 17.65 -6.42
CA GLU A 281 4.11 17.00 -7.26
C GLU A 281 2.72 17.28 -6.72
N PRO A 282 2.28 18.54 -6.72
CA PRO A 282 0.99 18.85 -6.08
C PRO A 282 -0.18 18.07 -6.65
N HIS A 283 -0.16 17.72 -7.93
CA HIS A 283 -1.30 17.01 -8.50
C HIS A 283 -1.51 15.66 -7.82
N LYS A 284 -0.42 15.01 -7.39
CA LYS A 284 -0.54 13.74 -6.69
C LYS A 284 -1.41 13.87 -5.43
N TRP A 285 -1.37 15.05 -4.79
CA TRP A 285 -1.91 15.28 -3.46
C TRP A 285 -3.19 16.10 -3.47
N GLU A 286 -3.98 15.96 -4.53
CA GLU A 286 -5.24 16.67 -4.64
C GLU A 286 -6.15 16.41 -3.44
N LYS A 287 -6.15 15.19 -2.91
CA LYS A 287 -7.14 14.87 -1.91
C LYS A 287 -6.66 15.11 -0.48
N TYR A 288 -5.47 15.69 -0.31
CA TYR A 288 -4.81 15.82 0.98
C TYR A 288 -4.65 17.27 1.40
N CYS A 289 -4.68 17.48 2.71
CA CYS A 289 -4.09 18.65 3.33
C CYS A 289 -2.77 18.21 3.91
N VAL A 290 -1.71 18.97 3.69
CA VAL A 290 -0.38 18.51 4.09
C VAL A 290 0.22 19.51 5.07
N LEU A 291 0.58 19.02 6.25
CA LEU A 291 1.17 19.82 7.29
C LEU A 291 2.67 19.63 7.28
N GLU A 292 3.39 20.65 7.77
CA GLU A 292 4.76 20.46 8.19
C GLU A 292 4.74 20.41 9.72
N VAL A 293 5.31 19.35 10.30
CA VAL A 293 5.08 19.06 11.71
C VAL A 293 6.38 18.85 12.48
N GLY A 294 7.51 18.81 11.77
CA GLY A 294 8.78 18.69 12.46
C GLY A 294 9.95 18.77 11.50
N ASP A 295 11.14 18.59 12.06
CA ASP A 295 12.38 18.47 11.28
C ASP A 295 13.12 17.24 11.76
N MET A 296 13.74 16.53 10.83
CA MET A 296 14.38 15.27 11.13
C MET A 296 15.84 15.30 10.69
N LEU A 297 16.71 14.78 11.55
CA LEU A 297 18.13 14.69 11.25
C LEU A 297 18.41 13.32 10.62
N LEU A 298 19.03 13.34 9.44
CA LEU A 298 19.15 12.15 8.62
C LEU A 298 20.59 11.93 8.15
N ARG A 299 20.98 10.66 8.10
CA ARG A 299 22.16 10.22 7.37
C ARG A 299 21.83 10.17 5.88
N SER A 300 22.73 10.68 5.06
CA SER A 300 22.50 10.69 3.62
C SER A 300 23.80 10.31 2.90
N ALA A 301 23.79 10.49 1.57
CA ALA A 301 25.03 10.39 0.81
C ALA A 301 25.95 11.58 1.08
N ILE A 302 25.39 12.74 1.44
CA ILE A 302 26.15 13.77 2.17
C ILE A 302 26.26 13.28 3.60
N GLY A 303 26.74 14.12 4.50
CA GLY A 303 26.75 13.76 5.90
C GLY A 303 25.35 13.81 6.47
N HIS A 304 25.27 14.16 7.76
CA HIS A 304 24.00 14.47 8.39
C HIS A 304 23.34 15.64 7.67
N VAL A 305 22.03 15.51 7.44
CA VAL A 305 21.22 16.62 6.94
C VAL A 305 19.92 16.69 7.73
N SER A 306 19.39 17.91 7.87
CA SER A 306 18.08 18.14 8.45
C SER A 306 17.07 18.30 7.32
N ARG A 307 15.99 17.51 7.37
CA ARG A 307 14.93 17.64 6.39
C ARG A 307 13.60 17.85 7.10
N PRO A 308 12.72 18.67 6.55
CA PRO A 308 11.39 18.83 7.16
C PRO A 308 10.63 17.51 7.16
N MET A 309 9.80 17.33 8.18
CA MET A 309 8.91 16.17 8.26
C MET A 309 7.48 16.66 8.05
N PHE A 310 6.74 15.97 7.20
CA PHE A 310 5.39 16.38 6.83
C PHE A 310 4.37 15.39 7.37
N LEU A 311 3.11 15.83 7.36
CA LEU A 311 2.00 14.99 7.77
C LEU A 311 0.96 15.10 6.68
N TYR A 312 0.68 13.98 6.03
CA TYR A 312 -0.32 13.91 4.98
C TYR A 312 -1.67 13.55 5.60
N VAL A 313 -2.64 14.42 5.44
CA VAL A 313 -3.95 14.29 6.08
C VAL A 313 -5.02 14.26 5.01
N ARG A 314 -5.92 13.27 5.09
CA ARG A 314 -7.12 13.29 4.27
C ARG A 314 -8.22 12.54 5.00
N THR A 315 -9.45 12.82 4.57
CA THR A 315 -10.59 12.02 4.95
C THR A 315 -10.80 10.94 3.92
N ASN A 316 -11.27 9.79 4.37
CA ASN A 316 -11.37 8.63 3.52
C ASN A 316 -12.50 7.79 4.09
N GLY A 317 -12.78 6.67 3.43
CA GLY A 317 -13.75 5.73 3.95
C GLY A 317 -13.50 4.36 3.38
N THR A 318 -14.08 3.37 4.05
CA THR A 318 -13.96 1.99 3.62
C THR A 318 -15.17 1.24 4.19
N SER A 319 -15.38 0.03 3.70
CA SER A 319 -16.55 -0.77 4.09
C SER A 319 -16.06 -2.07 4.70
N LYS A 320 -16.99 -2.80 5.32
CA LYS A 320 -16.68 -4.13 5.87
C LYS A 320 -16.02 -5.00 4.81
N ILE A 321 -16.60 -5.01 3.61
CA ILE A 321 -16.12 -5.94 2.58
C ILE A 321 -14.72 -5.55 2.15
N LYS A 322 -14.42 -4.24 2.06
CA LYS A 322 -13.05 -3.85 1.73
C LYS A 322 -12.09 -4.12 2.88
N MET A 323 -12.55 -4.01 4.13
CA MET A 323 -11.62 -4.28 5.23
C MET A 323 -11.33 -5.77 5.33
N LYS A 324 -12.30 -6.61 4.96
CA LYS A 324 -12.07 -8.04 4.93
C LYS A 324 -11.08 -8.42 3.84
N TRP A 325 -11.22 -7.86 2.63
CA TRP A 325 -10.20 -8.06 1.62
C TRP A 325 -8.84 -7.53 2.09
N GLY A 326 -8.83 -6.38 2.75
CA GLY A 326 -7.57 -5.84 3.25
C GLY A 326 -6.88 -6.80 4.21
N MET A 327 -7.68 -7.49 5.03
CA MET A 327 -7.14 -8.51 5.94
C MET A 327 -6.60 -9.74 5.22
N GLU A 328 -7.02 -9.98 3.97
CA GLU A 328 -6.60 -11.14 3.19
C GLU A 328 -5.44 -10.83 2.24
N MET A 329 -4.73 -9.72 2.41
CA MET A 329 -3.71 -9.32 1.44
C MET A 329 -2.53 -10.28 1.39
N ARG A 330 -2.33 -11.11 2.42
CA ARG A 330 -1.26 -12.10 2.36
C ARG A 330 -1.47 -13.05 1.19
N ARG A 331 -2.72 -13.24 0.76
CA ARG A 331 -3.02 -14.05 -0.42
C ARG A 331 -2.29 -13.54 -1.66
N CYS A 332 -1.89 -12.26 -1.71
CA CYS A 332 -1.05 -11.77 -2.80
C CYS A 332 0.25 -12.55 -2.88
N LEU A 333 0.84 -12.88 -1.71
CA LEU A 333 1.98 -13.76 -1.68
C LEU A 333 1.63 -15.11 -2.29
N LEU A 334 0.49 -15.68 -1.90
CA LEU A 334 0.12 -16.99 -2.42
C LEU A 334 -0.20 -16.92 -3.91
N GLN A 335 -0.89 -15.86 -4.36
CA GLN A 335 -1.25 -15.78 -5.77
C GLN A 335 -0.01 -15.65 -6.66
N SER A 336 0.94 -14.82 -6.27
CA SER A 336 2.10 -14.64 -7.14
C SER A 336 3.06 -15.82 -7.05
N LEU A 337 3.15 -16.50 -5.90
CA LEU A 337 3.83 -17.79 -5.85
C LEU A 337 3.26 -18.77 -6.88
N GLN A 338 1.93 -18.87 -6.95
CA GLN A 338 1.29 -19.81 -7.86
C GLN A 338 1.50 -19.44 -9.32
N GLN A 339 1.67 -18.16 -9.62
CA GLN A 339 2.06 -17.77 -10.97
C GLN A 339 3.47 -18.25 -11.28
N ILE A 340 4.37 -18.16 -10.29
CA ILE A 340 5.74 -18.64 -10.47
C ILE A 340 5.74 -20.15 -10.64
N GLU A 341 4.98 -20.85 -9.78
CA GLU A 341 4.87 -22.30 -9.90
C GLU A 341 4.36 -22.71 -11.28
N SER A 342 3.43 -21.94 -11.84
CA SER A 342 2.96 -22.24 -13.20
C SER A 342 4.11 -22.25 -14.18
N MET A 343 4.94 -21.20 -14.14
CA MET A 343 6.10 -21.13 -15.03
C MET A 343 7.03 -22.32 -14.83
N ILE A 344 7.22 -22.75 -13.57
CA ILE A 344 8.09 -23.89 -13.31
C ILE A 344 7.48 -25.17 -13.84
N GLU A 345 6.16 -25.34 -13.71
CA GLU A 345 5.53 -26.56 -14.18
C GLU A 345 5.60 -26.67 -15.70
N ALA A 346 5.56 -25.55 -16.41
CA ALA A 346 5.63 -25.61 -17.87
C ALA A 346 7.03 -26.00 -18.34
N GLU A 347 8.07 -25.40 -17.73
CA GLU A 347 9.43 -25.83 -18.04
C GLU A 347 9.67 -27.27 -17.60
N SER A 348 8.94 -27.75 -16.59
CA SER A 348 9.17 -29.08 -16.04
C SER A 348 8.53 -30.17 -16.88
N SER A 349 7.42 -29.89 -17.54
CA SER A 349 6.82 -30.87 -18.43
C SER A 349 7.59 -30.94 -19.73
N VAL A 350 8.06 -29.79 -20.22
CA VAL A 350 8.80 -29.73 -21.48
C VAL A 350 10.14 -30.46 -21.35
N LYS A 351 10.78 -30.38 -20.18
CA LYS A 351 12.06 -31.02 -19.95
C LYS A 351 11.95 -32.31 -19.15
N GLU A 352 10.73 -32.78 -18.87
CA GLU A 352 10.47 -34.09 -18.26
C GLU A 352 11.20 -34.32 -16.93
N LYS A 353 11.75 -33.27 -16.34
CA LYS A 353 12.31 -33.32 -14.99
C LYS A 353 11.76 -32.14 -14.20
N ASP A 354 11.81 -32.24 -12.87
CA ASP A 354 11.43 -31.10 -12.06
C ASP A 354 12.47 -30.00 -12.23
N MET A 355 12.01 -28.80 -12.59
CA MET A 355 12.88 -27.70 -12.94
C MET A 355 12.95 -26.62 -11.85
N THR A 356 12.64 -26.97 -10.62
CA THR A 356 12.58 -25.96 -9.56
C THR A 356 13.96 -25.35 -9.29
N LYS A 357 14.95 -26.19 -8.97
CA LYS A 357 16.28 -25.68 -8.70
C LYS A 357 16.81 -24.90 -9.89
N GLU A 358 16.66 -25.43 -11.11
CA GLU A 358 17.22 -24.74 -12.27
C GLU A 358 16.50 -23.44 -12.55
N PHE A 359 15.23 -23.33 -12.16
CA PHE A 359 14.52 -22.07 -12.36
C PHE A 359 15.02 -21.00 -11.40
N PHE A 360 14.93 -21.26 -10.10
CA PHE A 360 15.27 -20.23 -9.11
C PHE A 360 16.75 -19.93 -9.08
N GLU A 361 17.59 -20.87 -9.47
CA GLU A 361 19.01 -20.60 -9.52
C GLU A 361 19.45 -20.11 -10.90
N ASN A 362 18.54 -20.07 -11.87
CA ASN A 362 18.84 -19.58 -13.21
C ASN A 362 20.02 -20.33 -13.85
N LYS A 363 19.76 -21.51 -14.40
CA LYS A 363 20.80 -22.45 -14.83
C LYS A 363 21.63 -21.99 -16.04
N SER A 372 15.09 -23.88 -24.39
CA SER A 372 15.20 -23.45 -22.99
C SER A 372 15.80 -22.03 -22.91
N PRO A 373 15.53 -21.31 -21.82
CA PRO A 373 15.90 -19.89 -21.77
C PRO A 373 17.37 -19.68 -21.43
N LYS A 374 17.91 -18.55 -21.90
CA LYS A 374 19.30 -18.15 -21.70
C LYS A 374 19.41 -16.83 -20.93
N GLY A 375 18.37 -16.44 -20.21
CA GLY A 375 18.40 -15.23 -19.44
C GLY A 375 17.03 -14.92 -18.87
N VAL A 376 16.99 -13.83 -18.10
CA VAL A 376 15.77 -13.39 -17.42
C VAL A 376 15.54 -11.93 -17.76
N GLU A 377 14.45 -11.65 -18.51
CA GLU A 377 14.23 -10.33 -19.10
C GLU A 377 14.17 -9.22 -18.05
N GLU A 378 13.48 -9.47 -16.93
CA GLU A 378 13.49 -8.51 -15.83
C GLU A 378 14.86 -8.34 -15.20
N GLY A 379 15.84 -9.20 -15.52
CA GLY A 379 17.18 -9.09 -14.97
C GLY A 379 17.56 -10.21 -14.02
N SER A 380 16.63 -10.67 -13.18
CA SER A 380 16.89 -11.75 -12.24
C SER A 380 15.59 -12.45 -11.90
N ILE A 381 15.71 -13.71 -11.49
CA ILE A 381 14.58 -14.44 -10.93
C ILE A 381 13.97 -13.66 -9.77
N GLY A 382 14.81 -13.05 -8.93
CA GLY A 382 14.29 -12.28 -7.83
C GLY A 382 13.35 -11.19 -8.31
N LYS A 383 13.78 -10.41 -9.31
CA LYS A 383 12.97 -9.30 -9.75
C LYS A 383 11.66 -9.79 -10.39
N VAL A 384 11.64 -10.97 -10.99
CA VAL A 384 10.40 -11.49 -11.56
C VAL A 384 9.40 -11.80 -10.45
N CYS A 385 9.84 -12.52 -9.42
CA CYS A 385 9.00 -12.78 -8.26
C CYS A 385 8.43 -11.49 -7.69
N ARG A 386 9.28 -10.46 -7.53
CA ARG A 386 8.83 -9.23 -6.91
C ARG A 386 7.93 -8.41 -7.83
N THR A 387 8.14 -8.50 -9.15
CA THR A 387 7.24 -7.82 -10.08
C THR A 387 5.85 -8.45 -10.06
N LEU A 388 5.77 -9.79 -10.08
CA LEU A 388 4.48 -10.47 -9.93
C LEU A 388 3.82 -10.11 -8.61
N LEU A 389 4.58 -10.10 -7.52
CA LEU A 389 4.04 -9.71 -6.22
C LEU A 389 3.48 -8.30 -6.26
N ALA A 390 4.26 -7.36 -6.81
CA ALA A 390 3.82 -5.96 -6.80
C ALA A 390 2.56 -5.77 -7.66
N LYS A 391 2.48 -6.43 -8.81
CA LYS A 391 1.24 -6.36 -9.58
C LYS A 391 0.05 -6.83 -8.75
N SER A 392 0.23 -7.95 -8.06
CA SER A 392 -0.86 -8.49 -7.25
C SER A 392 -1.23 -7.54 -6.12
N VAL A 393 -0.24 -7.01 -5.41
CA VAL A 393 -0.50 -6.11 -4.29
C VAL A 393 -1.18 -4.84 -4.78
N PHE A 394 -0.66 -4.25 -5.87
CA PHE A 394 -1.28 -3.04 -6.41
C PHE A 394 -2.68 -3.30 -6.95
N ASN A 395 -2.96 -4.52 -7.42
CA ASN A 395 -4.35 -4.83 -7.78
C ASN A 395 -5.25 -4.76 -6.57
N SER A 396 -4.72 -5.09 -5.41
CA SER A 396 -5.52 -5.04 -4.19
C SER A 396 -5.58 -3.62 -3.64
N LEU A 397 -4.44 -2.92 -3.58
CA LEU A 397 -4.43 -1.55 -3.07
C LEU A 397 -5.27 -0.61 -3.92
N TYR A 398 -5.25 -0.81 -5.24
CA TYR A 398 -5.92 0.07 -6.17
C TYR A 398 -7.10 -0.62 -6.85
N ALA A 399 -7.77 -1.52 -6.13
CA ALA A 399 -8.91 -2.24 -6.67
C ALA A 399 -10.00 -1.24 -7.07
N SER A 400 -10.74 -1.59 -8.12
CA SER A 400 -11.79 -0.74 -8.64
C SER A 400 -12.57 -1.51 -9.71
N PRO A 401 -13.79 -1.08 -10.01
CA PRO A 401 -14.49 -1.63 -11.19
C PRO A 401 -13.80 -1.30 -12.50
N GLN A 402 -13.19 -0.11 -12.60
CA GLN A 402 -12.38 0.21 -13.77
C GLN A 402 -11.29 -0.83 -13.97
N LEU A 403 -10.60 -1.21 -12.90
CA LEU A 403 -9.54 -2.21 -13.00
C LEU A 403 -10.12 -3.54 -13.45
N GLU A 404 -11.29 -3.90 -12.93
CA GLU A 404 -11.92 -5.14 -13.33
C GLU A 404 -12.29 -5.13 -14.81
N GLY A 405 -12.96 -4.08 -15.26
CA GLY A 405 -13.33 -3.98 -16.66
C GLY A 405 -12.11 -4.02 -17.57
N PHE A 406 -11.09 -3.24 -17.24
CA PHE A 406 -9.88 -3.25 -18.04
C PHE A 406 -9.25 -4.63 -18.11
N SER A 407 -9.23 -5.36 -16.99
CA SER A 407 -8.52 -6.64 -16.94
C SER A 407 -9.14 -7.66 -17.85
N ALA A 408 -10.48 -7.73 -17.87
CA ALA A 408 -11.14 -8.74 -18.68
C ALA A 408 -11.11 -8.38 -20.16
N GLU A 409 -11.48 -7.14 -20.48
CA GLU A 409 -11.56 -6.73 -21.88
C GLU A 409 -10.19 -6.68 -22.51
N SER A 410 -9.17 -6.27 -21.76
CA SER A 410 -7.84 -6.20 -22.35
C SER A 410 -7.26 -7.59 -22.60
N ARG A 411 -7.64 -8.58 -21.79
CA ARG A 411 -7.18 -9.94 -22.06
C ARG A 411 -7.79 -10.48 -23.34
N LYS A 412 -9.03 -10.09 -23.64
CA LYS A 412 -9.64 -10.47 -24.92
C LYS A 412 -8.86 -9.87 -26.08
N LEU A 413 -8.58 -8.56 -26.00
CA LEU A 413 -7.83 -7.93 -27.08
C LEU A 413 -6.43 -8.52 -27.22
N LEU A 414 -5.86 -9.02 -26.12
CA LEU A 414 -4.51 -9.57 -26.16
C LEU A 414 -4.48 -10.90 -26.90
N LEU A 415 -5.33 -11.84 -26.50
CA LEU A 415 -5.42 -13.13 -27.20
C LEU A 415 -5.65 -12.94 -28.69
N ILE A 416 -6.57 -12.04 -29.05
CA ILE A 416 -6.85 -11.77 -30.47
C ILE A 416 -5.62 -11.22 -31.16
N VAL A 417 -4.93 -10.29 -30.50
CA VAL A 417 -3.80 -9.65 -31.16
C VAL A 417 -2.62 -10.61 -31.27
N GLN A 418 -2.46 -11.53 -30.32
CA GLN A 418 -1.42 -12.54 -30.45
C GLN A 418 -1.73 -13.51 -31.59
N ALA A 419 -2.99 -13.97 -31.65
CA ALA A 419 -3.44 -14.76 -32.78
C ALA A 419 -3.07 -14.10 -34.11
N LEU A 420 -3.28 -12.79 -34.23
CA LEU A 420 -2.91 -12.07 -35.44
C LEU A 420 -1.39 -11.99 -35.61
N ARG A 421 -0.65 -11.80 -34.51
CA ARG A 421 0.80 -11.63 -34.63
C ARG A 421 1.47 -12.91 -35.12
N ASP A 422 1.02 -14.06 -34.61
CA ASP A 422 1.66 -15.33 -34.94
C ASP A 422 1.21 -15.91 -36.29
N ASN A 423 0.14 -15.39 -36.88
CA ASN A 423 -0.45 -16.01 -38.07
C ASN A 423 -0.58 -15.04 -39.25
N LEU A 424 -0.02 -13.84 -39.18
CA LEU A 424 -0.10 -12.88 -40.30
C LEU A 424 1.23 -12.22 -40.64
N GLY A 432 -12.98 -2.08 -32.68
CA GLY A 432 -14.22 -1.32 -32.63
C GLY A 432 -15.04 -1.52 -31.36
N GLY A 433 -15.65 -2.70 -31.23
CA GLY A 433 -16.51 -3.02 -30.11
C GLY A 433 -15.76 -3.33 -28.82
N LEU A 434 -14.72 -4.17 -28.91
CA LEU A 434 -13.90 -4.45 -27.74
C LEU A 434 -13.20 -3.18 -27.24
N TYR A 435 -12.71 -2.35 -28.17
CA TYR A 435 -12.02 -1.12 -27.81
C TYR A 435 -12.88 -0.19 -26.96
N GLU A 436 -14.19 -0.16 -27.20
CA GLU A 436 -15.05 0.71 -26.40
C GLU A 436 -15.24 0.16 -24.98
N ALA A 437 -15.26 -1.15 -24.82
CA ALA A 437 -15.38 -1.71 -23.47
C ALA A 437 -14.13 -1.41 -22.65
N ILE A 438 -12.95 -1.55 -23.25
CA ILE A 438 -11.70 -1.24 -22.57
C ILE A 438 -11.66 0.24 -22.20
N GLU A 439 -11.73 1.11 -23.22
CA GLU A 439 -11.54 2.54 -23.02
C GLU A 439 -12.66 3.18 -22.21
N GLU A 440 -13.80 2.50 -22.04
CA GLU A 440 -14.80 2.96 -21.08
C GLU A 440 -14.30 2.84 -19.65
N CYS A 441 -13.21 2.12 -19.41
CA CYS A 441 -12.61 2.00 -18.10
C CYS A 441 -11.41 2.91 -17.89
N LEU A 442 -10.94 3.59 -18.96
CA LEU A 442 -9.80 4.50 -18.87
C LEU A 442 -10.33 5.92 -18.65
N ILE A 443 -10.58 6.24 -17.38
CA ILE A 443 -11.17 7.52 -16.99
C ILE A 443 -10.20 8.34 -16.15
N ASN A 444 -9.83 7.85 -14.97
CA ASN A 444 -8.99 8.66 -14.10
C ASN A 444 -8.20 7.87 -13.06
N ASP A 445 -8.26 6.54 -13.11
CA ASP A 445 -7.62 5.75 -12.06
C ASP A 445 -6.15 5.53 -12.40
N PRO A 446 -5.22 5.95 -11.54
CA PRO A 446 -3.79 5.82 -11.90
C PRO A 446 -3.38 4.40 -12.23
N TRP A 447 -3.82 3.41 -11.46
CA TRP A 447 -3.38 2.04 -11.68
C TRP A 447 -3.91 1.50 -13.00
N VAL A 448 -5.18 1.76 -13.30
CA VAL A 448 -5.73 1.36 -14.60
C VAL A 448 -5.01 2.07 -15.73
N LEU A 449 -4.74 3.37 -15.57
CA LEU A 449 -4.10 4.10 -16.66
C LEU A 449 -2.68 3.61 -16.90
N LEU A 450 -1.93 3.33 -15.81
CA LEU A 450 -0.59 2.77 -15.97
C LEU A 450 -0.64 1.43 -16.67
N ASN A 451 -1.59 0.57 -16.30
CA ASN A 451 -1.72 -0.72 -16.95
C ASN A 451 -2.07 -0.59 -18.43
N ALA A 452 -2.84 0.45 -18.78
CA ALA A 452 -3.15 0.68 -20.18
C ALA A 452 -1.92 1.20 -20.93
N SER A 453 -1.13 2.06 -20.28
CA SER A 453 0.17 2.44 -20.82
C SER A 453 1.00 1.21 -21.15
N TRP A 454 1.06 0.26 -20.23
CA TRP A 454 1.84 -0.96 -20.40
C TRP A 454 1.30 -1.79 -21.54
N PHE A 455 -0.02 -1.88 -21.64
CA PHE A 455 -0.64 -2.58 -22.74
C PHE A 455 -0.21 -1.99 -24.09
N ASN A 456 -0.05 -0.66 -24.16
CA ASN A 456 0.35 -0.04 -25.42
C ASN A 456 1.80 -0.33 -25.76
N SER A 457 2.67 -0.51 -24.75
CA SER A 457 4.01 -1.02 -25.02
C SER A 457 3.93 -2.39 -25.66
N PHE A 458 3.08 -3.28 -25.11
CA PHE A 458 2.92 -4.60 -25.69
C PHE A 458 2.37 -4.54 -27.10
N LEU A 459 1.58 -3.51 -27.43
CA LEU A 459 1.11 -3.36 -28.81
C LEU A 459 2.22 -2.89 -29.74
N THR A 460 3.12 -2.03 -29.26
CA THR A 460 4.23 -1.58 -30.09
C THR A 460 5.25 -2.71 -30.32
N HIS A 461 5.44 -3.59 -29.34
CA HIS A 461 6.30 -4.76 -29.53
C HIS A 461 5.49 -5.94 -30.06
N1 6AV B . 4.83 16.63 20.97
C2 6AV B . 3.83 12.74 22.05
C3 6AV B . 5.07 13.05 21.53
C4 6AV B . 5.40 14.35 21.17
C6 6AV B . 5.64 17.39 21.69
C7 6AV B . 5.73 18.54 20.93
C8 6AV B . 4.41 17.16 19.83
CL 6AV B . 3.49 11.04 22.49
C1 6AV B . 2.86 13.71 22.22
C5 6AV B . 4.49 15.40 21.32
C 6AV B . 3.15 15.01 21.89
N 6AV B . 2.20 15.96 22.08
N2 6AV B . 4.97 18.39 19.81
S DMS C . -7.75 1.38 5.55
O DMS C . -9.02 1.77 4.87
C1 DMS C . -6.72 2.80 6.01
C2 DMS C . -8.10 0.63 7.15
CL CL D . -1.96 -17.04 3.16
#